data_7Q4R
#
_entry.id   7Q4R
#
_cell.length_a   47.465
_cell.length_b   78.473
_cell.length_c   93.498
_cell.angle_alpha   90.000
_cell.angle_beta   90.000
_cell.angle_gamma   90.000
#
_symmetry.space_group_name_H-M   'P 21 21 21'
#
loop_
_entity.id
_entity.type
_entity.pdbx_description
1 polymer 'Heat shock 70 kDa protein 1A'
2 non-polymer 'MAGNESIUM ION'
3 non-polymer 4-(4-phenyl-1,3-thiazol-2-yl)piperazine-1-carboxamide
4 non-polymer 'PHOSPHATE ION'
5 water water
#
_entity_poly.entity_id   1
_entity_poly.type   'polypeptide(L)'
_entity_poly.pdbx_seq_one_letter_code
;GPLGSMAKAAAIGIDLGTTYSCVGVFQHGKVEIIANDQGNRTTPSYVAFTDTERLIGDAAKNQVALNPQNTVFDAKRLIG
RKFGDPVVQSDMKHWPFQVINDGDKPKVQVSYKGETKAFYPEEISSMVLTKMKEIAEAYLGYPVTNAVITVPAYFNDSQR
QATKDAGVIAGLNVLRIINEPTAAAIAYGLDRTGKGERNVLIFDLGGGTFDVSILTIDDGIFEVKATAGDTHLGGEDFDN
RLVNHFVEEFKRKHKKDISQNKRAVRRLRTACERAKRTLSSSTQASLEIDSLFEGIDFYTSITRARFEELCSDLFRSTLE
PVEKALRDAKLDKAQIHDLVLVGGSTRIPKVQKLLQDFFNGRDLNKSINPDEAVAYGAAVQAAILIKSTRAAAS
;
_entity_poly.pdbx_strand_id   A
#
# COMPACT_ATOMS: atom_id res chain seq x y z
N ALA A 7 -25.01 -24.35 1.78
CA ALA A 7 -24.64 -22.94 1.77
C ALA A 7 -23.60 -22.67 0.68
N LYS A 8 -23.65 -21.50 0.03
CA LYS A 8 -22.67 -21.15 -1.01
C LYS A 8 -21.54 -20.32 -0.41
N ALA A 9 -20.31 -20.52 -0.90
CA ALA A 9 -19.16 -19.79 -0.39
C ALA A 9 -18.95 -18.44 -1.06
N ALA A 10 -18.69 -17.41 -0.27
CA ALA A 10 -18.41 -16.09 -0.82
C ALA A 10 -16.93 -16.03 -1.24
N ALA A 11 -16.63 -15.15 -2.19
CA ALA A 11 -15.27 -14.95 -2.67
C ALA A 11 -14.79 -13.67 -2.02
N ILE A 12 -13.48 -13.54 -1.79
CA ILE A 12 -12.95 -12.33 -1.15
C ILE A 12 -12.19 -11.46 -2.12
N GLY A 13 -12.06 -10.19 -1.78
CA GLY A 13 -11.25 -9.26 -2.56
C GLY A 13 -10.04 -8.87 -1.76
N ILE A 14 -8.84 -9.02 -2.32
CA ILE A 14 -7.62 -8.72 -1.59
C ILE A 14 -6.80 -7.66 -2.25
N ASP A 15 -6.57 -6.55 -1.54
CA ASP A 15 -5.64 -5.52 -1.94
C ASP A 15 -4.29 -6.01 -1.35
N LEU A 16 -3.40 -6.55 -2.17
CA LEU A 16 -2.10 -7.06 -1.70
C LEU A 16 -1.15 -5.87 -1.83
N GLY A 17 -1.05 -5.09 -0.77
CA GLY A 17 -0.30 -3.83 -0.83
C GLY A 17 1.17 -3.91 -0.56
N THR A 18 1.89 -2.82 -0.91
CA THR A 18 3.34 -2.74 -0.69
C THR A 18 3.63 -2.75 0.82
N THR A 19 2.96 -1.90 1.58
CA THR A 19 3.16 -1.77 3.01
C THR A 19 2.00 -2.40 3.83
N TYR A 20 0.77 -2.24 3.36
CA TYR A 20 -0.42 -2.79 4.03
C TYR A 20 -1.36 -3.48 3.08
N SER A 21 -1.92 -4.62 3.51
CA SER A 21 -2.88 -5.35 2.70
C SER A 21 -4.25 -5.21 3.32
N CYS A 22 -5.31 -5.40 2.54
CA CYS A 22 -6.68 -5.20 3.02
C CYS A 22 -7.57 -6.25 2.35
N VAL A 23 -8.52 -6.82 3.08
CA VAL A 23 -9.40 -7.87 2.56
C VAL A 23 -10.85 -7.44 2.80
N GLY A 24 -11.68 -7.67 1.80
CA GLY A 24 -13.10 -7.37 1.87
C GLY A 24 -13.94 -8.53 1.40
N VAL A 25 -15.22 -8.52 1.78
CA VAL A 25 -16.14 -9.54 1.32
C VAL A 25 -17.49 -8.89 1.09
N PHE A 26 -18.13 -9.16 -0.03
CA PHE A 26 -19.43 -8.57 -0.34
C PHE A 26 -20.50 -9.53 0.13
N GLN A 27 -21.34 -9.08 1.05
CA GLN A 27 -22.41 -9.91 1.56
C GLN A 27 -23.67 -9.11 1.68
N HIS A 28 -24.75 -9.65 1.09
CA HIS A 28 -26.06 -9.03 1.21
C HIS A 28 -26.10 -7.55 0.91
N GLY A 29 -25.62 -7.15 -0.25
CA GLY A 29 -25.64 -5.78 -0.69
C GLY A 29 -24.61 -4.81 -0.18
N LYS A 30 -23.69 -5.26 0.66
CA LYS A 30 -22.67 -4.37 1.18
C LYS A 30 -21.33 -5.06 1.29
N VAL A 31 -20.27 -4.26 1.27
CA VAL A 31 -18.91 -4.77 1.43
C VAL A 31 -18.50 -4.58 2.87
N GLU A 32 -17.99 -5.64 3.46
CA GLU A 32 -17.43 -5.56 4.79
C GLU A 32 -15.94 -5.65 4.60
N ILE A 33 -15.21 -4.63 5.06
CA ILE A 33 -13.77 -4.67 5.06
C ILE A 33 -13.47 -5.36 6.39
N ILE A 34 -12.77 -6.49 6.32
CA ILE A 34 -12.58 -7.35 7.49
C ILE A 34 -11.37 -7.01 8.33
N ALA A 35 -11.59 -6.71 9.61
CA ALA A 35 -10.48 -6.41 10.51
C ALA A 35 -9.78 -7.70 10.92
N ASN A 36 -8.50 -7.60 11.24
CA ASN A 36 -7.72 -8.74 11.72
C ASN A 36 -7.89 -8.91 13.27
N ASP A 37 -7.18 -9.88 13.88
CA ASP A 37 -7.35 -10.17 15.32
C ASP A 37 -6.71 -9.17 16.27
N GLN A 38 -6.07 -8.14 15.73
CA GLN A 38 -5.62 -7.00 16.52
C GLN A 38 -6.57 -5.77 16.32
N GLY A 39 -7.69 -5.96 15.59
CA GLY A 39 -8.69 -4.92 15.35
C GLY A 39 -8.33 -3.97 14.22
N ASN A 40 -7.35 -4.36 13.39
CA ASN A 40 -6.87 -3.52 12.31
C ASN A 40 -7.49 -3.89 10.98
N ARG A 41 -8.11 -2.91 10.32
CA ARG A 41 -8.74 -3.05 9.01
C ARG A 41 -7.75 -3.17 7.85
N THR A 42 -6.44 -2.87 8.11
CA THR A 42 -5.34 -3.08 7.16
C THR A 42 -4.28 -3.88 7.92
N THR A 43 -3.55 -4.77 7.21
CA THR A 43 -2.55 -5.64 7.85
C THR A 43 -1.19 -5.43 7.20
N PRO A 44 -0.14 -5.16 8.00
CA PRO A 44 1.20 -4.96 7.41
C PRO A 44 1.63 -6.13 6.52
N SER A 45 2.16 -5.85 5.32
CA SER A 45 2.63 -6.87 4.42
C SER A 45 4.05 -7.28 4.85
N TYR A 46 4.15 -7.86 6.05
CA TYR A 46 5.41 -8.24 6.68
C TYR A 46 5.37 -9.69 7.08
N VAL A 47 6.52 -10.37 7.01
CA VAL A 47 6.68 -11.75 7.47
C VAL A 47 7.99 -11.80 8.27
N ALA A 48 8.02 -12.43 9.45
CA ALA A 48 9.23 -12.54 10.23
C ALA A 48 9.46 -13.99 10.60
N PHE A 49 10.73 -14.35 10.75
CA PHE A 49 11.15 -15.69 11.08
C PHE A 49 12.00 -15.73 12.34
N THR A 50 11.73 -16.73 13.17
CA THR A 50 12.43 -16.92 14.43
C THR A 50 12.88 -18.39 14.56
N ASP A 51 13.41 -18.76 15.72
CA ASP A 51 13.81 -20.12 15.94
C ASP A 51 12.64 -21.12 15.90
N THR A 52 11.43 -20.66 16.22
CA THR A 52 10.28 -21.56 16.23
C THR A 52 9.05 -21.06 15.50
N GLU A 53 8.96 -19.78 15.15
CA GLU A 53 7.75 -19.26 14.51
C GLU A 53 7.97 -18.51 13.20
N ARG A 54 6.92 -18.49 12.36
CA ARG A 54 6.87 -17.66 11.17
C ARG A 54 5.70 -16.71 11.54
N LEU A 55 5.99 -15.44 11.73
CA LEU A 55 5.02 -14.40 12.10
C LEU A 55 4.58 -13.64 10.86
N ILE A 56 3.29 -13.26 10.78
CA ILE A 56 2.81 -12.53 9.60
C ILE A 56 1.92 -11.36 10.01
N GLY A 57 2.06 -10.22 9.35
CA GLY A 57 1.22 -9.06 9.61
C GLY A 57 1.70 -8.26 10.80
N ASP A 58 0.76 -7.85 11.68
CA ASP A 58 1.14 -7.04 12.85
C ASP A 58 2.23 -7.67 13.70
N ALA A 59 2.13 -8.99 13.99
CA ALA A 59 3.14 -9.63 14.86
C ALA A 59 4.53 -9.52 14.28
N ALA A 60 4.65 -9.59 12.94
CA ALA A 60 5.95 -9.50 12.31
C ALA A 60 6.43 -8.04 12.35
N LYS A 61 5.53 -7.08 12.03
CA LYS A 61 5.92 -5.69 11.99
C LYS A 61 6.29 -5.20 13.37
N ASN A 62 5.55 -5.61 14.39
CA ASN A 62 5.79 -5.15 15.74
C ASN A 62 7.11 -5.63 16.35
N GLN A 63 7.81 -6.63 15.73
CA GLN A 63 9.10 -7.07 16.29
C GLN A 63 10.30 -6.79 15.35
N VAL A 64 10.10 -5.93 14.34
CA VAL A 64 11.10 -5.61 13.31
C VAL A 64 12.38 -4.98 13.86
N ALA A 65 12.29 -4.12 14.88
CA ALA A 65 13.46 -3.41 15.41
C ALA A 65 14.56 -4.31 15.91
N LEU A 66 14.20 -5.40 16.61
CA LEU A 66 15.20 -6.31 17.16
C LEU A 66 15.55 -7.50 16.25
N ASN A 67 14.77 -7.72 15.17
CA ASN A 67 15.00 -8.83 14.24
C ASN A 67 15.04 -8.33 12.78
N PRO A 68 15.88 -7.31 12.46
CA PRO A 68 15.85 -6.75 11.09
C PRO A 68 16.31 -7.66 9.96
N GLN A 69 17.24 -8.58 10.21
CA GLN A 69 17.75 -9.47 9.17
C GLN A 69 16.77 -10.56 8.76
N ASN A 70 15.87 -10.94 9.68
CA ASN A 70 14.90 -12.00 9.42
C ASN A 70 13.45 -11.52 9.34
N THR A 71 13.25 -10.21 9.16
CA THR A 71 11.89 -9.64 9.02
C THR A 71 11.81 -9.10 7.62
N VAL A 72 11.00 -9.73 6.80
CA VAL A 72 10.89 -9.37 5.39
C VAL A 72 9.66 -8.48 5.14
N PHE A 73 9.83 -7.49 4.27
CA PHE A 73 8.78 -6.55 3.87
C PHE A 73 9.16 -6.07 2.47
N ASP A 74 8.25 -5.35 1.81
CA ASP A 74 8.51 -4.85 0.46
C ASP A 74 8.66 -5.94 -0.56
N ALA A 75 8.07 -7.16 -0.35
CA ALA A 75 8.16 -8.22 -1.38
C ALA A 75 7.52 -7.75 -2.69
N LYS A 76 6.51 -6.85 -2.61
CA LYS A 76 5.87 -6.33 -3.85
C LYS A 76 6.87 -5.62 -4.77
N ARG A 77 7.95 -5.07 -4.20
N ARG A 77 7.94 -5.08 -4.20
CA ARG A 77 8.98 -4.39 -4.99
CA ARG A 77 8.98 -4.39 -4.97
C ARG A 77 9.91 -5.38 -5.73
C ARG A 77 9.95 -5.37 -5.68
N LEU A 78 9.91 -6.66 -5.35
CA LEU A 78 10.74 -7.69 -5.96
C LEU A 78 9.95 -8.62 -6.86
N ILE A 79 8.65 -8.81 -6.57
CA ILE A 79 7.85 -9.83 -7.25
C ILE A 79 7.80 -9.61 -8.77
N GLY A 80 8.09 -10.69 -9.50
CA GLY A 80 8.11 -10.70 -10.96
C GLY A 80 9.29 -9.99 -11.61
N ARG A 81 10.28 -9.55 -10.81
CA ARG A 81 11.42 -8.83 -11.36
C ARG A 81 12.68 -9.72 -11.47
N LYS A 82 13.62 -9.32 -12.33
CA LYS A 82 14.90 -10.02 -12.41
C LYS A 82 15.86 -9.42 -11.35
N PHE A 83 16.82 -10.19 -10.87
CA PHE A 83 17.77 -9.72 -9.86
C PHE A 83 18.57 -8.52 -10.36
N GLY A 84 18.94 -8.55 -11.64
CA GLY A 84 19.71 -7.48 -12.25
C GLY A 84 18.94 -6.21 -12.55
N ASP A 85 17.63 -6.17 -12.26
CA ASP A 85 16.78 -4.99 -12.49
C ASP A 85 17.34 -3.84 -11.64
N PRO A 86 17.72 -2.70 -12.25
CA PRO A 86 18.29 -1.59 -11.46
C PRO A 86 17.40 -1.12 -10.31
N VAL A 87 16.08 -1.34 -10.39
CA VAL A 87 15.16 -1.03 -9.28
C VAL A 87 15.50 -1.96 -8.11
N VAL A 88 15.68 -3.26 -8.39
CA VAL A 88 16.03 -4.25 -7.38
C VAL A 88 17.36 -3.94 -6.72
N GLN A 89 18.34 -3.56 -7.53
CA GLN A 89 19.68 -3.27 -7.01
C GLN A 89 19.73 -2.07 -6.11
N SER A 90 18.92 -1.04 -6.42
CA SER A 90 18.88 0.17 -5.64
C SER A 90 18.14 -0.10 -4.32
N ASP A 91 17.00 -0.81 -4.39
CA ASP A 91 16.23 -1.14 -3.21
C ASP A 91 17.02 -1.99 -2.19
N MET A 92 17.83 -2.95 -2.69
CA MET A 92 18.65 -3.82 -1.84
C MET A 92 19.57 -3.06 -0.89
N LYS A 93 20.01 -1.87 -1.29
CA LYS A 93 20.86 -1.03 -0.43
C LYS A 93 20.14 -0.51 0.81
N HIS A 94 18.81 -0.48 0.80
CA HIS A 94 17.98 0.01 1.89
C HIS A 94 17.45 -1.09 2.81
N TRP A 95 17.35 -2.31 2.31
CA TRP A 95 16.77 -3.40 3.12
C TRP A 95 17.78 -4.04 4.02
N PRO A 96 17.42 -4.31 5.28
CA PRO A 96 18.36 -4.98 6.19
C PRO A 96 18.39 -6.50 6.03
N PHE A 97 17.42 -7.08 5.30
CA PHE A 97 17.40 -8.51 5.06
C PHE A 97 18.21 -8.81 3.79
N GLN A 98 18.77 -10.02 3.70
CA GLN A 98 19.58 -10.42 2.55
C GLN A 98 18.74 -10.79 1.32
N VAL A 99 19.17 -10.32 0.11
CA VAL A 99 18.57 -10.68 -1.16
C VAL A 99 19.66 -11.38 -1.95
N ILE A 100 19.41 -12.60 -2.39
CA ILE A 100 20.39 -13.39 -3.12
C ILE A 100 19.95 -13.54 -4.58
N ASN A 101 20.89 -13.87 -5.44
CA ASN A 101 20.67 -14.05 -6.87
C ASN A 101 20.65 -15.54 -7.17
N ASP A 102 19.51 -16.02 -7.63
CA ASP A 102 19.37 -17.43 -8.01
C ASP A 102 18.87 -17.41 -9.44
N GLY A 103 19.79 -17.54 -10.40
CA GLY A 103 19.46 -17.52 -11.83
C GLY A 103 18.83 -16.24 -12.33
N ASP A 104 19.36 -15.11 -11.91
CA ASP A 104 18.87 -13.78 -12.23
C ASP A 104 17.44 -13.56 -11.69
N LYS A 105 17.09 -14.23 -10.58
CA LYS A 105 15.82 -14.04 -9.90
C LYS A 105 16.17 -13.81 -8.44
N PRO A 106 15.59 -12.77 -7.83
CA PRO A 106 15.90 -12.50 -6.42
C PRO A 106 15.17 -13.47 -5.51
N LYS A 107 15.78 -13.79 -4.38
CA LYS A 107 15.17 -14.59 -3.33
C LYS A 107 15.61 -13.92 -2.04
N VAL A 108 14.75 -13.90 -1.01
CA VAL A 108 15.11 -13.33 0.27
CA VAL A 108 15.15 -13.34 0.27
C VAL A 108 15.68 -14.44 1.15
N GLN A 109 16.80 -14.20 1.83
CA GLN A 109 17.42 -15.22 2.65
C GLN A 109 17.39 -14.85 4.08
N VAL A 110 16.92 -15.76 4.94
CA VAL A 110 16.82 -15.46 6.38
C VAL A 110 17.20 -16.71 7.24
N SER A 111 17.26 -16.54 8.57
N SER A 111 17.28 -16.55 8.57
CA SER A 111 17.45 -17.62 9.54
CA SER A 111 17.43 -17.67 9.47
C SER A 111 16.02 -17.99 10.01
C SER A 111 16.02 -18.00 9.96
N TYR A 112 15.66 -19.28 9.95
CA TYR A 112 14.35 -19.73 10.36
C TYR A 112 14.52 -21.17 10.87
N LYS A 113 14.12 -21.41 12.14
CA LYS A 113 14.23 -22.72 12.79
C LYS A 113 15.65 -23.23 12.85
N GLY A 114 16.60 -22.33 13.06
CA GLY A 114 18.00 -22.70 13.19
C GLY A 114 18.74 -22.98 11.91
N GLU A 115 18.15 -22.62 10.77
CA GLU A 115 18.82 -22.83 9.49
C GLU A 115 18.57 -21.70 8.50
N THR A 116 19.45 -21.55 7.51
CA THR A 116 19.31 -20.51 6.51
C THR A 116 18.32 -21.01 5.45
N LYS A 117 17.33 -20.19 5.13
CA LYS A 117 16.29 -20.57 4.16
C LYS A 117 16.08 -19.40 3.22
N ALA A 118 15.89 -19.66 1.92
CA ALA A 118 15.60 -18.58 0.97
C ALA A 118 14.21 -18.73 0.40
N PHE A 119 13.57 -17.62 0.13
CA PHE A 119 12.22 -17.61 -0.40
C PHE A 119 12.11 -16.72 -1.63
N TYR A 120 11.37 -17.17 -2.64
CA TYR A 120 11.08 -16.31 -3.78
C TYR A 120 10.11 -15.20 -3.30
N PRO A 121 10.10 -14.01 -3.92
CA PRO A 121 9.13 -12.97 -3.53
C PRO A 121 7.68 -13.46 -3.54
N GLU A 122 7.28 -14.33 -4.50
CA GLU A 122 5.90 -14.83 -4.54
C GLU A 122 5.59 -15.78 -3.36
N GLU A 123 6.62 -16.38 -2.74
CA GLU A 123 6.46 -17.18 -1.52
C GLU A 123 6.24 -16.29 -0.31
N ILE A 124 6.94 -15.16 -0.24
CA ILE A 124 6.72 -14.23 0.88
C ILE A 124 5.31 -13.62 0.71
N SER A 125 4.94 -13.22 -0.53
CA SER A 125 3.59 -12.69 -0.76
C SER A 125 2.52 -13.75 -0.55
N SER A 126 2.81 -15.06 -0.75
CA SER A 126 1.80 -16.09 -0.48
C SER A 126 1.52 -16.18 1.03
N MET A 127 2.52 -15.86 1.85
CA MET A 127 2.33 -15.88 3.31
C MET A 127 1.43 -14.72 3.71
N VAL A 128 1.62 -13.53 3.12
CA VAL A 128 0.72 -12.40 3.37
C VAL A 128 -0.70 -12.77 2.91
N LEU A 129 -0.83 -13.40 1.75
CA LEU A 129 -2.13 -13.83 1.23
C LEU A 129 -2.80 -14.84 2.14
N THR A 130 -2.01 -15.77 2.72
CA THR A 130 -2.53 -16.77 3.66
C THR A 130 -3.11 -16.07 4.88
N LYS A 131 -2.41 -15.04 5.38
CA LYS A 131 -2.91 -14.25 6.52
C LYS A 131 -4.22 -13.55 6.12
N MET A 132 -4.32 -12.99 4.92
CA MET A 132 -5.55 -12.30 4.50
C MET A 132 -6.72 -13.29 4.38
N LYS A 133 -6.42 -14.48 3.88
CA LYS A 133 -7.35 -15.58 3.77
C LYS A 133 -7.86 -15.97 5.17
N GLU A 134 -6.96 -16.12 6.15
CA GLU A 134 -7.32 -16.49 7.52
C GLU A 134 -8.14 -15.42 8.22
N ILE A 135 -7.84 -14.12 7.97
CA ILE A 135 -8.62 -12.99 8.51
C ILE A 135 -10.08 -13.11 8.01
N ALA A 136 -10.25 -13.40 6.71
CA ALA A 136 -11.57 -13.57 6.11
C ALA A 136 -12.28 -14.82 6.61
N GLU A 137 -11.55 -15.91 6.81
CA GLU A 137 -12.11 -17.16 7.33
C GLU A 137 -12.56 -17.02 8.77
N ALA A 138 -11.88 -16.18 9.57
CA ALA A 138 -12.30 -15.98 10.97
C ALA A 138 -13.65 -15.22 10.97
N TYR A 139 -13.82 -14.27 10.04
CA TYR A 139 -15.08 -13.52 9.92
C TYR A 139 -16.23 -14.39 9.39
N LEU A 140 -15.97 -15.14 8.29
CA LEU A 140 -16.99 -15.93 7.62
C LEU A 140 -17.31 -17.26 8.29
N GLY A 141 -16.36 -17.83 9.01
CA GLY A 141 -16.59 -19.09 9.72
C GLY A 141 -16.51 -20.35 8.89
N TYR A 142 -15.85 -20.27 7.75
CA TYR A 142 -15.62 -21.41 6.86
C TYR A 142 -14.40 -21.11 5.96
N PRO A 143 -13.76 -22.16 5.41
CA PRO A 143 -12.61 -21.92 4.53
C PRO A 143 -12.96 -21.19 3.24
N VAL A 144 -12.13 -20.22 2.90
CA VAL A 144 -12.28 -19.32 1.77
C VAL A 144 -11.22 -19.65 0.75
N THR A 145 -11.62 -19.93 -0.48
CA THR A 145 -10.64 -20.23 -1.51
C THR A 145 -10.79 -19.43 -2.76
N ASN A 146 -11.82 -18.59 -2.93
CA ASN A 146 -11.97 -17.83 -4.18
C ASN A 146 -11.60 -16.41 -3.92
N ALA A 147 -10.74 -15.84 -4.74
CA ALA A 147 -10.30 -14.47 -4.50
C ALA A 147 -10.00 -13.72 -5.76
N VAL A 148 -10.19 -12.40 -5.69
CA VAL A 148 -9.73 -11.46 -6.71
C VAL A 148 -8.59 -10.74 -6.00
N ILE A 149 -7.43 -10.68 -6.63
CA ILE A 149 -6.26 -10.01 -6.07
C ILE A 149 -5.90 -8.86 -6.98
N THR A 150 -5.50 -7.72 -6.41
CA THR A 150 -5.19 -6.53 -7.20
C THR A 150 -3.69 -6.30 -7.33
N VAL A 151 -3.30 -5.56 -8.38
CA VAL A 151 -1.91 -5.21 -8.67
C VAL A 151 -1.89 -3.79 -9.26
N PRO A 152 -0.73 -3.10 -9.25
CA PRO A 152 -0.67 -1.76 -9.86
C PRO A 152 -0.88 -1.82 -11.39
N ALA A 153 -1.48 -0.77 -11.99
CA ALA A 153 -1.71 -0.74 -13.44
C ALA A 153 -0.42 -0.86 -14.24
N TYR A 154 0.71 -0.39 -13.69
CA TYR A 154 2.01 -0.45 -14.36
C TYR A 154 2.71 -1.79 -14.25
N PHE A 155 2.17 -2.77 -13.49
CA PHE A 155 2.81 -4.08 -13.40
C PHE A 155 2.79 -4.73 -14.79
N ASN A 156 3.91 -5.36 -15.16
CA ASN A 156 4.00 -6.04 -16.44
C ASN A 156 3.44 -7.48 -16.29
N ASP A 157 3.45 -8.28 -17.35
CA ASP A 157 2.93 -9.65 -17.30
C ASP A 157 3.70 -10.54 -16.32
N SER A 158 5.02 -10.36 -16.20
CA SER A 158 5.82 -11.14 -15.25
C SER A 158 5.39 -10.89 -13.79
N GLN A 159 5.17 -9.63 -13.45
CA GLN A 159 4.72 -9.25 -12.10
C GLN A 159 3.30 -9.74 -11.82
N ARG A 160 2.43 -9.69 -12.84
CA ARG A 160 1.03 -10.12 -12.66
C ARG A 160 0.99 -11.62 -12.49
N GLN A 161 1.76 -12.36 -13.31
CA GLN A 161 1.82 -13.82 -13.22
C GLN A 161 2.43 -14.24 -11.90
N ALA A 162 3.46 -13.53 -11.43
CA ALA A 162 4.08 -13.88 -10.14
C ALA A 162 3.09 -13.63 -9.00
N THR A 163 2.26 -12.57 -9.09
CA THR A 163 1.24 -12.31 -8.09
C THR A 163 0.17 -13.41 -8.12
N LYS A 164 -0.23 -13.86 -9.29
CA LYS A 164 -1.18 -14.99 -9.40
C LYS A 164 -0.55 -16.24 -8.75
N ASP A 165 0.76 -16.47 -8.99
CA ASP A 165 1.45 -17.64 -8.40
C ASP A 165 1.42 -17.57 -6.88
N ALA A 166 1.60 -16.36 -6.27
CA ALA A 166 1.50 -16.22 -4.81
C ALA A 166 0.10 -16.66 -4.33
N GLY A 167 -0.94 -16.33 -5.08
CA GLY A 167 -2.30 -16.77 -4.75
C GLY A 167 -2.43 -18.28 -4.83
N VAL A 168 -1.89 -18.89 -5.89
CA VAL A 168 -1.94 -20.37 -6.01
C VAL A 168 -1.20 -21.04 -4.84
N ILE A 169 0.00 -20.55 -4.49
CA ILE A 169 0.77 -21.12 -3.36
C ILE A 169 -0.03 -21.01 -2.05
N ALA A 170 -0.78 -19.90 -1.85
CA ALA A 170 -1.63 -19.72 -0.68
C ALA A 170 -2.92 -20.59 -0.68
N GLY A 171 -3.17 -21.33 -1.74
CA GLY A 171 -4.32 -22.22 -1.82
C GLY A 171 -5.60 -21.52 -2.28
N LEU A 172 -5.46 -20.39 -3.00
CA LEU A 172 -6.60 -19.63 -3.50
C LEU A 172 -6.78 -19.86 -4.99
N ASN A 173 -8.02 -19.90 -5.42
CA ASN A 173 -8.40 -19.92 -6.81
C ASN A 173 -8.43 -18.43 -7.14
N VAL A 174 -7.49 -17.96 -7.95
CA VAL A 174 -7.46 -16.56 -8.32
C VAL A 174 -8.47 -16.33 -9.43
N LEU A 175 -9.70 -15.87 -9.08
CA LEU A 175 -10.77 -15.63 -10.06
C LEU A 175 -10.30 -14.66 -11.13
N ARG A 176 -9.52 -13.65 -10.74
CA ARG A 176 -9.00 -12.67 -11.68
C ARG A 176 -7.96 -11.83 -10.96
N ILE A 177 -6.98 -11.33 -11.72
CA ILE A 177 -6.02 -10.33 -11.25
C ILE A 177 -6.51 -9.04 -11.93
N ILE A 178 -6.86 -8.02 -11.14
CA ILE A 178 -7.31 -6.73 -11.71
C ILE A 178 -6.39 -5.60 -11.22
N ASN A 179 -6.25 -4.49 -11.99
CA ASN A 179 -5.39 -3.44 -11.51
C ASN A 179 -6.08 -2.56 -10.43
N GLU A 180 -5.27 -1.98 -9.54
CA GLU A 180 -5.73 -1.17 -8.43
C GLU A 180 -6.68 -0.02 -8.85
N PRO A 181 -6.39 0.79 -9.92
CA PRO A 181 -7.35 1.83 -10.31
C PRO A 181 -8.67 1.25 -10.83
N THR A 182 -8.65 0.08 -11.49
CA THR A 182 -9.90 -0.56 -11.93
C THR A 182 -10.73 -0.97 -10.72
N ALA A 183 -10.08 -1.56 -9.73
CA ALA A 183 -10.74 -1.96 -8.47
C ALA A 183 -11.38 -0.72 -7.77
N ALA A 184 -10.68 0.41 -7.75
CA ALA A 184 -11.23 1.63 -7.14
C ALA A 184 -12.49 2.10 -7.90
N ALA A 185 -12.45 2.05 -9.25
CA ALA A 185 -13.59 2.46 -10.05
C ALA A 185 -14.77 1.53 -9.81
N ILE A 186 -14.51 0.22 -9.69
CA ILE A 186 -15.54 -0.81 -9.44
C ILE A 186 -16.18 -0.57 -8.06
N ALA A 187 -15.37 -0.19 -7.06
CA ALA A 187 -15.86 0.13 -5.70
C ALA A 187 -16.98 1.21 -5.77
N TYR A 188 -16.82 2.20 -6.64
CA TYR A 188 -17.84 3.26 -6.84
C TYR A 188 -18.92 2.92 -7.88
N GLY A 189 -18.93 1.70 -8.37
CA GLY A 189 -19.88 1.27 -9.39
C GLY A 189 -19.79 2.02 -10.71
N LEU A 190 -18.62 2.63 -11.02
CA LEU A 190 -18.48 3.42 -12.25
C LEU A 190 -18.54 2.63 -13.55
N ASP A 191 -18.54 1.31 -13.47
CA ASP A 191 -18.73 0.47 -14.64
C ASP A 191 -20.22 0.09 -14.83
N ARG A 192 -21.13 0.56 -13.94
CA ARG A 192 -22.55 0.24 -13.97
C ARG A 192 -23.44 1.47 -14.17
N THR A 193 -22.92 2.52 -14.84
CA THR A 193 -23.72 3.71 -15.07
C THR A 193 -24.54 3.65 -16.38
N GLY A 194 -24.62 2.49 -17.02
CA GLY A 194 -25.37 2.33 -18.26
C GLY A 194 -24.57 2.60 -19.52
N LYS A 195 -25.28 2.98 -20.59
CA LYS A 195 -24.66 3.26 -21.88
C LYS A 195 -23.89 4.57 -21.81
N GLY A 196 -22.88 4.67 -22.63
CA GLY A 196 -22.06 5.87 -22.66
C GLY A 196 -20.79 5.64 -21.90
N GLU A 197 -19.70 6.11 -22.44
CA GLU A 197 -18.38 5.96 -21.86
C GLU A 197 -18.17 6.88 -20.66
N ARG A 198 -17.30 6.46 -19.74
CA ARG A 198 -16.93 7.22 -18.58
C ARG A 198 -15.42 7.24 -18.46
N ASN A 199 -14.85 8.45 -18.39
CA ASN A 199 -13.41 8.66 -18.24
C ASN A 199 -13.19 8.91 -16.77
N VAL A 200 -12.41 8.05 -16.15
CA VAL A 200 -12.19 8.11 -14.72
C VAL A 200 -10.73 8.37 -14.44
N LEU A 201 -10.45 9.32 -13.55
CA LEU A 201 -9.09 9.57 -13.14
C LEU A 201 -8.96 9.09 -11.69
N ILE A 202 -8.00 8.19 -11.40
CA ILE A 202 -7.76 7.62 -10.08
C ILE A 202 -6.47 8.23 -9.54
N PHE A 203 -6.57 8.95 -8.42
CA PHE A 203 -5.44 9.64 -7.82
C PHE A 203 -5.11 8.89 -6.54
N ASP A 204 -3.96 8.19 -6.54
CA ASP A 204 -3.58 7.29 -5.46
C ASP A 204 -2.34 7.79 -4.77
N LEU A 205 -2.51 8.32 -3.54
CA LEU A 205 -1.44 8.90 -2.77
C LEU A 205 -1.51 8.47 -1.33
N GLY A 206 -0.40 7.99 -0.81
CA GLY A 206 -0.36 7.51 0.57
C GLY A 206 0.21 6.12 0.68
N GLY A 207 0.02 5.32 -0.36
CA GLY A 207 0.59 3.98 -0.41
C GLY A 207 2.06 3.97 -0.80
N GLY A 208 2.61 2.81 -1.08
CA GLY A 208 4.02 2.64 -1.44
C GLY A 208 4.53 3.50 -2.57
N THR A 209 3.68 3.81 -3.52
CA THR A 209 4.03 4.60 -4.70
C THR A 209 2.84 5.50 -5.12
N PHE A 210 3.10 6.78 -5.44
CA PHE A 210 2.05 7.66 -5.94
C PHE A 210 1.76 7.28 -7.40
N ASP A 211 0.48 7.13 -7.72
CA ASP A 211 0.10 6.80 -9.09
C ASP A 211 -1.12 7.58 -9.49
N VAL A 212 -1.18 7.99 -10.76
CA VAL A 212 -2.34 8.64 -11.38
C VAL A 212 -2.63 7.77 -12.56
N SER A 213 -3.84 7.24 -12.65
CA SER A 213 -4.24 6.46 -13.81
C SER A 213 -5.52 7.00 -14.41
N ILE A 214 -5.67 6.90 -15.72
CA ILE A 214 -6.88 7.31 -16.39
C ILE A 214 -7.48 6.12 -17.10
N LEU A 215 -8.73 5.80 -16.80
CA LEU A 215 -9.41 4.67 -17.42
C LEU A 215 -10.56 5.16 -18.25
N THR A 216 -10.90 4.43 -19.32
CA THR A 216 -12.14 4.68 -20.03
C THR A 216 -12.95 3.41 -19.86
N ILE A 217 -14.20 3.56 -19.40
CA ILE A 217 -15.09 2.44 -19.18
C ILE A 217 -16.19 2.58 -20.21
N ASP A 218 -16.38 1.57 -21.03
CA ASP A 218 -17.36 1.61 -22.08
C ASP A 218 -18.12 0.29 -22.14
N ASP A 219 -19.41 0.31 -21.80
CA ASP A 219 -20.26 -0.89 -21.74
C ASP A 219 -19.63 -1.96 -20.82
N GLY A 220 -19.11 -1.51 -19.68
CA GLY A 220 -18.50 -2.38 -18.68
C GLY A 220 -17.05 -2.75 -18.93
N ILE A 221 -16.51 -2.43 -20.11
CA ILE A 221 -15.14 -2.76 -20.46
C ILE A 221 -14.18 -1.67 -20.05
N PHE A 222 -13.08 -2.02 -19.35
CA PHE A 222 -12.11 -1.04 -18.90
C PHE A 222 -10.94 -0.98 -19.87
N GLU A 223 -10.49 0.24 -20.15
CA GLU A 223 -9.31 0.44 -20.97
C GLU A 223 -8.43 1.39 -20.20
N VAL A 224 -7.18 1.01 -19.93
CA VAL A 224 -6.25 1.89 -19.25
C VAL A 224 -5.70 2.83 -20.32
N LYS A 225 -6.00 4.13 -20.24
CA LYS A 225 -5.54 5.08 -21.23
C LYS A 225 -4.17 5.67 -20.87
N ALA A 226 -3.89 5.82 -19.56
CA ALA A 226 -2.61 6.35 -19.11
C ALA A 226 -2.34 6.00 -17.67
N THR A 227 -1.04 5.95 -17.31
CA THR A 227 -0.55 5.78 -15.95
C THR A 227 0.68 6.68 -15.81
N ALA A 228 0.72 7.48 -14.76
CA ALA A 228 1.82 8.38 -14.45
C ALA A 228 2.06 8.34 -12.93
N GLY A 229 3.16 8.91 -12.45
CA GLY A 229 3.42 8.94 -11.02
C GLY A 229 4.74 9.57 -10.67
N ASP A 230 5.17 9.31 -9.45
CA ASP A 230 6.42 9.82 -8.95
C ASP A 230 6.87 8.81 -7.92
N THR A 231 8.06 8.20 -8.12
CA THR A 231 8.55 7.22 -7.16
C THR A 231 8.92 7.88 -5.82
N HIS A 232 9.30 9.15 -5.85
N HIS A 232 9.31 9.17 -5.84
CA HIS A 232 9.67 9.86 -4.63
CA HIS A 232 9.69 9.92 -4.64
C HIS A 232 8.47 10.53 -3.94
C HIS A 232 8.46 10.51 -3.89
N LEU A 233 7.24 10.06 -4.23
CA LEU A 233 6.03 10.54 -3.58
C LEU A 233 5.28 9.39 -2.87
N GLY A 234 6.01 8.32 -2.53
CA GLY A 234 5.42 7.21 -1.82
C GLY A 234 5.21 7.55 -0.36
N GLY A 235 4.52 6.67 0.36
CA GLY A 235 4.27 6.86 1.79
C GLY A 235 5.55 7.03 2.58
N GLU A 236 6.62 6.34 2.16
CA GLU A 236 7.91 6.41 2.84
C GLU A 236 8.53 7.78 2.76
N ASP A 237 8.30 8.52 1.67
CA ASP A 237 8.84 9.87 1.53
C ASP A 237 8.12 10.86 2.46
N PHE A 238 6.85 10.59 2.78
CA PHE A 238 6.12 11.40 3.76
C PHE A 238 6.67 11.07 5.14
N ASP A 239 6.92 9.77 5.42
CA ASP A 239 7.53 9.37 6.69
C ASP A 239 8.91 10.00 6.85
N ASN A 240 9.73 9.99 5.80
CA ASN A 240 11.09 10.54 5.84
C ASN A 240 11.09 12.04 6.02
N ARG A 241 10.06 12.73 5.54
CA ARG A 241 9.93 14.16 5.76
C ARG A 241 9.67 14.40 7.26
N LEU A 242 8.79 13.59 7.87
CA LEU A 242 8.54 13.69 9.32
C LEU A 242 9.83 13.34 10.09
N VAL A 243 10.58 12.30 9.67
CA VAL A 243 11.85 11.94 10.31
C VAL A 243 12.83 13.12 10.32
N ASN A 244 13.07 13.76 9.16
CA ASN A 244 13.98 14.90 9.11
C ASN A 244 13.52 16.04 9.99
N HIS A 245 12.21 16.28 10.04
CA HIS A 245 11.67 17.34 10.91
C HIS A 245 12.00 17.03 12.40
N PHE A 246 11.79 15.77 12.84
CA PHE A 246 12.06 15.40 14.24
C PHE A 246 13.56 15.28 14.53
N VAL A 247 14.38 14.97 13.51
CA VAL A 247 15.84 14.98 13.68
C VAL A 247 16.30 16.41 14.03
N GLU A 248 15.66 17.42 13.42
CA GLU A 248 15.98 18.82 13.70
C GLU A 248 15.47 19.22 15.08
N GLU A 249 14.29 18.76 15.46
CA GLU A 249 13.72 19.02 16.78
C GLU A 249 14.59 18.42 17.90
N PHE A 250 15.10 17.20 17.69
CA PHE A 250 15.98 16.56 18.68
C PHE A 250 17.29 17.36 18.75
N LYS A 251 17.80 17.88 17.62
CA LYS A 251 18.99 18.73 17.59
C LYS A 251 18.77 19.98 18.44
N ARG A 252 17.62 20.67 18.30
CA ARG A 252 17.37 21.89 19.06
C ARG A 252 17.13 21.62 20.55
N LYS A 253 16.42 20.53 20.88
CA LYS A 253 16.07 20.24 22.26
C LYS A 253 17.18 19.58 23.08
N HIS A 254 17.81 18.56 22.52
CA HIS A 254 18.83 17.80 23.24
C HIS A 254 20.27 18.08 22.79
N LYS A 255 20.47 18.95 21.79
CA LYS A 255 21.81 19.32 21.31
C LYS A 255 22.60 18.18 20.70
N LYS A 256 21.92 17.18 20.12
CA LYS A 256 22.60 16.05 19.49
C LYS A 256 22.04 15.76 18.10
N ASP A 257 22.92 15.32 17.20
CA ASP A 257 22.56 15.00 15.83
C ASP A 257 22.43 13.49 15.73
N ILE A 258 21.20 12.97 15.54
CA ILE A 258 21.00 11.51 15.49
C ILE A 258 20.98 10.93 14.07
N SER A 259 21.17 11.76 13.03
CA SER A 259 21.00 11.37 11.63
C SER A 259 21.91 10.24 11.15
N GLN A 260 23.10 10.08 11.73
CA GLN A 260 23.99 8.99 11.33
C GLN A 260 23.84 7.72 12.20
N ASN A 261 22.89 7.69 13.14
CA ASN A 261 22.67 6.52 13.99
C ASN A 261 21.53 5.69 13.40
N LYS A 262 21.86 4.54 12.81
CA LYS A 262 20.85 3.69 12.16
C LYS A 262 19.74 3.24 13.10
N ARG A 263 20.10 2.80 14.31
CA ARG A 263 19.11 2.34 15.29
C ARG A 263 18.14 3.47 15.64
N ALA A 264 18.67 4.67 15.88
CA ALA A 264 17.86 5.83 16.26
C ALA A 264 16.96 6.29 15.13
N VAL A 265 17.49 6.32 13.90
CA VAL A 265 16.71 6.72 12.75
C VAL A 265 15.58 5.70 12.47
N ARG A 266 15.85 4.42 12.67
CA ARG A 266 14.84 3.39 12.42
C ARG A 266 13.71 3.46 13.41
N ARG A 267 14.02 3.61 14.71
CA ARG A 267 12.99 3.72 15.74
C ARG A 267 12.13 4.99 15.51
N LEU A 268 12.77 6.07 15.10
CA LEU A 268 12.06 7.33 14.84
C LEU A 268 11.13 7.18 13.62
N ARG A 269 11.62 6.52 12.57
CA ARG A 269 10.81 6.24 11.38
C ARG A 269 9.56 5.42 11.71
N THR A 270 9.68 4.44 12.61
CA THR A 270 8.51 3.64 12.99
C THR A 270 7.47 4.53 13.69
N ALA A 271 7.93 5.39 14.60
CA ALA A 271 7.04 6.28 15.34
C ALA A 271 6.36 7.28 14.41
N CYS A 272 7.10 7.76 13.40
CA CYS A 272 6.65 8.76 12.44
C CYS A 272 5.60 8.19 11.55
N GLU A 273 5.85 6.99 11.02
CA GLU A 273 4.87 6.31 10.17
C GLU A 273 3.54 6.10 10.91
N ARG A 274 3.61 5.70 12.20
CA ARG A 274 2.37 5.47 12.99
C ARG A 274 1.67 6.77 13.32
N ALA A 275 2.45 7.83 13.68
CA ALA A 275 1.91 9.15 13.98
C ALA A 275 1.20 9.71 12.75
N LYS A 276 1.80 9.53 11.56
CA LYS A 276 1.23 9.93 10.29
C LYS A 276 -0.15 9.31 10.09
N ARG A 277 -0.26 7.98 10.30
CA ARG A 277 -1.54 7.31 10.15
C ARG A 277 -2.54 7.71 11.22
N THR A 278 -2.07 7.92 12.46
CA THR A 278 -2.92 8.34 13.58
C THR A 278 -3.64 9.66 13.33
N LEU A 279 -3.07 10.52 12.48
CA LEU A 279 -3.68 11.79 12.10
C LEU A 279 -5.02 11.61 11.39
N SER A 280 -5.35 10.40 10.90
CA SER A 280 -6.63 10.19 10.22
C SER A 280 -7.80 10.24 11.22
N SER A 281 -7.57 9.77 12.45
CA SER A 281 -8.61 9.78 13.49
C SER A 281 -8.41 10.85 14.55
N SER A 282 -7.26 11.55 14.56
CA SER A 282 -7.01 12.58 15.58
C SER A 282 -6.34 13.81 15.01
N THR A 283 -6.64 15.01 15.55
CA THR A 283 -6.02 16.25 15.07
C THR A 283 -4.52 16.33 15.44
N GLN A 284 -4.10 15.59 16.48
CA GLN A 284 -2.73 15.57 16.98
C GLN A 284 -2.33 14.13 17.36
N ALA A 285 -1.13 13.69 16.93
CA ALA A 285 -0.66 12.36 17.24
C ALA A 285 0.61 12.48 18.07
N SER A 286 0.70 11.73 19.17
CA SER A 286 1.87 11.79 20.04
C SER A 286 2.90 10.75 19.65
N LEU A 287 4.17 11.13 19.73
CA LEU A 287 5.32 10.26 19.49
C LEU A 287 5.97 10.04 20.86
N GLU A 288 6.05 8.80 21.31
CA GLU A 288 6.64 8.50 22.61
C GLU A 288 7.75 7.47 22.42
N ILE A 289 8.99 7.92 22.23
CA ILE A 289 10.10 6.98 22.02
C ILE A 289 11.02 6.92 23.21
N ASP A 290 11.01 5.80 23.94
CA ASP A 290 11.91 5.64 25.08
C ASP A 290 13.32 5.35 24.57
N SER A 291 14.32 5.99 25.17
CA SER A 291 15.74 5.77 24.90
C SER A 291 16.06 5.83 23.41
N LEU A 292 15.64 6.92 22.74
CA LEU A 292 15.87 7.09 21.30
C LEU A 292 17.36 7.12 20.94
N PHE A 293 18.15 7.95 21.65
CA PHE A 293 19.56 8.12 21.35
C PHE A 293 20.31 8.44 22.64
N GLU A 294 21.41 7.71 22.91
CA GLU A 294 22.22 7.87 24.13
C GLU A 294 21.37 7.84 25.41
N GLY A 295 20.31 7.05 25.38
CA GLY A 295 19.40 6.91 26.52
C GLY A 295 18.38 8.01 26.70
N ILE A 296 18.33 8.98 25.78
CA ILE A 296 17.42 10.10 25.90
C ILE A 296 16.05 9.78 25.39
N ASP A 297 15.03 9.92 26.23
CA ASP A 297 13.64 9.69 25.82
C ASP A 297 13.22 10.84 24.89
N PHE A 298 12.53 10.52 23.80
CA PHE A 298 12.05 11.55 22.86
C PHE A 298 10.54 11.53 22.81
N TYR A 299 9.90 12.46 23.49
CA TYR A 299 8.46 12.55 23.50
C TYR A 299 8.05 13.84 22.80
N THR A 300 7.19 13.73 21.81
CA THR A 300 6.74 14.88 21.06
C THR A 300 5.38 14.62 20.40
N SER A 301 4.95 15.51 19.53
CA SER A 301 3.71 15.33 18.82
C SER A 301 3.76 15.99 17.45
N ILE A 302 2.85 15.60 16.59
CA ILE A 302 2.74 16.21 15.28
C ILE A 302 1.27 16.65 15.10
N THR A 303 1.02 17.90 14.68
CA THR A 303 -0.38 18.33 14.44
C THR A 303 -0.71 18.14 12.96
N ARG A 304 -2.00 18.02 12.61
CA ARG A 304 -2.40 17.89 11.20
C ARG A 304 -1.94 19.15 10.43
N ALA A 305 -2.06 20.32 11.08
CA ALA A 305 -1.64 21.62 10.54
C ALA A 305 -0.15 21.63 10.19
N ARG A 306 0.71 21.11 11.07
N ARG A 306 0.70 21.09 11.07
CA ARG A 306 2.15 21.07 10.80
CA ARG A 306 2.14 21.03 10.83
C ARG A 306 2.47 20.06 9.72
C ARG A 306 2.45 20.06 9.72
N PHE A 307 1.83 18.87 9.73
CA PHE A 307 2.08 17.86 8.70
C PHE A 307 1.76 18.42 7.30
N GLU A 308 0.67 19.15 7.17
CA GLU A 308 0.26 19.76 5.92
C GLU A 308 1.26 20.79 5.41
N GLU A 309 1.81 21.64 6.29
CA GLU A 309 2.80 22.63 5.87
C GLU A 309 4.15 21.95 5.53
N LEU A 310 4.56 21.00 6.36
CA LEU A 310 5.81 20.27 6.19
C LEU A 310 5.85 19.53 4.86
N CYS A 311 4.70 18.97 4.41
CA CYS A 311 4.61 18.20 3.17
C CYS A 311 3.93 18.94 2.02
N SER A 312 3.76 20.26 2.13
CA SER A 312 3.08 21.04 1.10
C SER A 312 3.69 20.85 -0.30
N ASP A 313 5.03 20.84 -0.39
CA ASP A 313 5.71 20.70 -1.68
C ASP A 313 5.49 19.33 -2.29
N LEU A 314 5.42 18.28 -1.45
CA LEU A 314 5.19 16.90 -1.88
C LEU A 314 3.78 16.78 -2.45
N PHE A 315 2.79 17.40 -1.79
CA PHE A 315 1.42 17.39 -2.30
C PHE A 315 1.35 18.13 -3.64
N ARG A 316 2.07 19.27 -3.75
CA ARG A 316 2.07 20.03 -4.99
C ARG A 316 2.78 19.32 -6.14
N SER A 317 3.76 18.47 -5.81
N SER A 317 3.78 18.49 -5.83
CA SER A 317 4.51 17.70 -6.79
CA SER A 317 4.49 17.76 -6.88
C SER A 317 3.65 16.65 -7.50
C SER A 317 3.65 16.66 -7.53
N THR A 318 2.41 16.41 -7.06
CA THR A 318 1.54 15.41 -7.68
C THR A 318 0.82 15.92 -8.93
N LEU A 319 0.78 17.25 -9.13
CA LEU A 319 0.01 17.85 -10.22
C LEU A 319 0.63 17.67 -11.59
N GLU A 320 1.97 17.77 -11.72
CA GLU A 320 2.61 17.57 -13.03
C GLU A 320 2.36 16.14 -13.55
N PRO A 321 2.48 15.06 -12.74
CA PRO A 321 2.09 13.73 -13.25
C PRO A 321 0.61 13.65 -13.69
N VAL A 322 -0.33 14.37 -13.03
CA VAL A 322 -1.74 14.37 -13.48
C VAL A 322 -1.81 15.01 -14.89
N GLU A 323 -1.11 16.12 -15.09
CA GLU A 323 -1.10 16.81 -16.39
C GLU A 323 -0.51 15.88 -17.47
N LYS A 324 0.57 15.14 -17.12
CA LYS A 324 1.19 14.22 -18.03
C LYS A 324 0.26 13.04 -18.36
N ALA A 325 -0.45 12.50 -17.37
CA ALA A 325 -1.43 11.43 -17.63
C ALA A 325 -2.54 11.93 -18.56
N LEU A 326 -3.05 13.16 -18.35
CA LEU A 326 -4.07 13.73 -19.24
C LEU A 326 -3.55 13.84 -20.68
N ARG A 327 -2.27 14.23 -20.87
CA ARG A 327 -1.69 14.31 -22.22
C ARG A 327 -1.60 12.93 -22.87
N ASP A 328 -1.09 11.93 -22.11
CA ASP A 328 -0.91 10.58 -22.62
C ASP A 328 -2.24 9.95 -23.00
N ALA A 329 -3.30 10.24 -22.24
CA ALA A 329 -4.66 9.76 -22.52
C ALA A 329 -5.35 10.52 -23.66
N LYS A 330 -4.82 11.71 -24.04
CA LYS A 330 -5.36 12.62 -25.05
C LYS A 330 -6.73 13.15 -24.62
N LEU A 331 -6.83 13.51 -23.33
CA LEU A 331 -8.06 14.02 -22.77
C LEU A 331 -7.82 15.34 -22.07
N ASP A 332 -8.82 16.22 -22.13
CA ASP A 332 -8.83 17.50 -21.44
C ASP A 332 -9.28 17.21 -20.00
N LYS A 333 -8.98 18.10 -19.04
CA LYS A 333 -9.50 17.93 -17.66
C LYS A 333 -11.04 17.87 -17.67
N ALA A 334 -11.68 18.67 -18.54
CA ALA A 334 -13.14 18.71 -18.67
C ALA A 334 -13.75 17.43 -19.23
N GLN A 335 -12.92 16.54 -19.80
CA GLN A 335 -13.43 15.27 -20.32
C GLN A 335 -13.48 14.15 -19.26
N ILE A 336 -12.95 14.40 -18.07
CA ILE A 336 -12.96 13.41 -17.02
C ILE A 336 -14.30 13.46 -16.30
N HIS A 337 -15.05 12.36 -16.30
CA HIS A 337 -16.34 12.34 -15.63
C HIS A 337 -16.16 12.21 -14.12
N ASP A 338 -15.28 11.30 -13.69
CA ASP A 338 -15.16 11.00 -12.26
C ASP A 338 -13.74 11.10 -11.78
N LEU A 339 -13.57 11.63 -10.58
CA LEU A 339 -12.26 11.74 -9.96
C LEU A 339 -12.34 10.86 -8.71
N VAL A 340 -11.45 9.86 -8.62
CA VAL A 340 -11.51 8.91 -7.52
C VAL A 340 -10.25 9.00 -6.66
N LEU A 341 -10.43 9.04 -5.32
CA LEU A 341 -9.30 9.14 -4.40
C LEU A 341 -8.96 7.80 -3.76
N VAL A 342 -7.69 7.44 -3.78
CA VAL A 342 -7.17 6.20 -3.18
C VAL A 342 -5.92 6.55 -2.34
N GLY A 343 -5.69 5.87 -1.23
CA GLY A 343 -4.52 6.14 -0.40
C GLY A 343 -4.82 7.12 0.72
N GLY A 344 -4.23 6.88 1.88
CA GLY A 344 -4.46 7.66 3.07
C GLY A 344 -4.27 9.16 3.01
N SER A 345 -3.33 9.65 2.17
CA SER A 345 -3.09 11.10 2.03
C SER A 345 -4.24 11.84 1.39
N THR A 346 -5.05 11.15 0.58
CA THR A 346 -6.17 11.82 -0.08
C THR A 346 -7.28 12.21 0.89
N ARG A 347 -7.20 11.80 2.15
CA ARG A 347 -8.17 12.16 3.18
C ARG A 347 -7.97 13.63 3.61
N ILE A 348 -6.73 14.16 3.50
CA ILE A 348 -6.36 15.52 3.85
C ILE A 348 -7.09 16.55 3.01
N PRO A 349 -7.91 17.39 3.66
CA PRO A 349 -8.64 18.41 2.90
C PRO A 349 -7.76 19.31 2.04
N LYS A 350 -6.49 19.54 2.40
CA LYS A 350 -5.56 20.36 1.60
C LYS A 350 -5.15 19.65 0.30
N VAL A 351 -4.99 18.30 0.35
CA VAL A 351 -4.71 17.51 -0.85
C VAL A 351 -5.97 17.58 -1.75
N GLN A 352 -7.17 17.39 -1.14
CA GLN A 352 -8.43 17.47 -1.89
C GLN A 352 -8.62 18.84 -2.52
N LYS A 353 -8.27 19.91 -1.79
CA LYS A 353 -8.36 21.28 -2.29
C LYS A 353 -7.43 21.49 -3.47
N LEU A 354 -6.17 21.01 -3.38
CA LEU A 354 -5.20 21.12 -4.47
C LEU A 354 -5.72 20.48 -5.76
N LEU A 355 -6.30 19.28 -5.65
CA LEU A 355 -6.80 18.54 -6.80
C LEU A 355 -8.09 19.15 -7.33
N GLN A 356 -8.96 19.59 -6.42
CA GLN A 356 -10.24 20.21 -6.81
C GLN A 356 -9.98 21.49 -7.59
N ASP A 357 -9.05 22.33 -7.10
CA ASP A 357 -8.68 23.59 -7.77
C ASP A 357 -8.00 23.33 -9.10
N PHE A 358 -7.16 22.28 -9.16
CA PHE A 358 -6.51 21.89 -10.40
C PHE A 358 -7.56 21.45 -11.43
N PHE A 359 -8.60 20.73 -10.98
CA PHE A 359 -9.70 20.31 -11.85
C PHE A 359 -10.81 21.34 -11.99
N ASN A 360 -10.51 22.62 -11.70
CA ASN A 360 -11.41 23.74 -11.85
C ASN A 360 -12.72 23.62 -11.07
N GLY A 361 -12.62 23.20 -9.82
CA GLY A 361 -13.77 23.09 -8.94
C GLY A 361 -14.51 21.77 -8.95
N ARG A 362 -14.06 20.79 -9.74
CA ARG A 362 -14.74 19.50 -9.82
C ARG A 362 -14.74 18.78 -8.47
N ASP A 363 -15.83 18.06 -8.17
CA ASP A 363 -15.91 17.30 -6.93
C ASP A 363 -15.20 15.96 -7.05
N LEU A 364 -14.73 15.46 -5.91
CA LEU A 364 -13.95 14.23 -5.84
C LEU A 364 -14.72 13.13 -5.13
N ASN A 365 -14.44 11.89 -5.49
CA ASN A 365 -15.08 10.78 -4.85
C ASN A 365 -14.26 10.34 -3.65
N LYS A 366 -14.83 10.55 -2.47
CA LYS A 366 -14.17 10.17 -1.22
C LYS A 366 -15.07 9.44 -0.22
N SER A 367 -16.23 8.99 -0.68
CA SER A 367 -17.23 8.33 0.17
C SER A 367 -16.85 6.95 0.70
N ILE A 368 -15.92 6.33 0.03
CA ILE A 368 -15.39 5.05 0.44
C ILE A 368 -14.02 5.37 0.95
N ASN A 369 -13.69 4.93 2.19
CA ASN A 369 -12.38 5.15 2.82
C ASN A 369 -11.24 4.82 1.83
N PRO A 370 -10.42 5.81 1.48
CA PRO A 370 -9.39 5.58 0.46
C PRO A 370 -8.38 4.52 0.79
N ASP A 371 -8.18 4.20 2.09
CA ASP A 371 -7.26 3.12 2.47
C ASP A 371 -7.88 1.74 2.16
N GLU A 372 -9.23 1.70 1.98
CA GLU A 372 -10.05 0.49 1.77
C GLU A 372 -10.64 0.33 0.35
N ALA A 373 -10.69 1.39 -0.46
CA ALA A 373 -11.35 1.39 -1.79
C ALA A 373 -10.89 0.30 -2.75
N VAL A 374 -9.56 0.03 -2.80
CA VAL A 374 -9.07 -1.03 -3.69
C VAL A 374 -9.60 -2.39 -3.25
N ALA A 375 -9.53 -2.73 -1.94
CA ALA A 375 -10.08 -4.03 -1.49
C ALA A 375 -11.60 -4.08 -1.65
N TYR A 376 -12.28 -2.94 -1.42
CA TYR A 376 -13.73 -2.82 -1.57
C TYR A 376 -14.10 -3.19 -3.02
N GLY A 377 -13.40 -2.63 -3.99
CA GLY A 377 -13.66 -2.92 -5.40
C GLY A 377 -13.32 -4.34 -5.80
N ALA A 378 -12.22 -4.88 -5.26
CA ALA A 378 -11.84 -6.26 -5.51
C ALA A 378 -12.93 -7.21 -4.95
N ALA A 379 -13.53 -6.86 -3.80
CA ALA A 379 -14.60 -7.67 -3.18
C ALA A 379 -15.86 -7.66 -4.04
N VAL A 380 -16.23 -6.48 -4.58
CA VAL A 380 -17.39 -6.34 -5.46
C VAL A 380 -17.16 -7.18 -6.73
N GLN A 381 -15.98 -7.05 -7.34
CA GLN A 381 -15.65 -7.82 -8.54
C GLN A 381 -15.66 -9.34 -8.27
N ALA A 382 -15.18 -9.75 -7.09
CA ALA A 382 -15.15 -11.14 -6.70
C ALA A 382 -16.56 -11.68 -6.56
N ALA A 383 -17.48 -10.88 -5.98
CA ALA A 383 -18.88 -11.32 -5.84
C ALA A 383 -19.54 -11.45 -7.21
N ILE A 384 -19.24 -10.53 -8.12
CA ILE A 384 -19.81 -10.55 -9.47
C ILE A 384 -19.37 -11.81 -10.21
N LEU A 385 -18.09 -12.18 -10.12
CA LEU A 385 -17.59 -13.38 -10.79
C LEU A 385 -18.11 -14.66 -10.14
N ILE A 386 -18.29 -14.67 -8.81
CA ILE A 386 -18.78 -15.86 -8.12
C ILE A 386 -20.31 -16.04 -8.33
N LYS A 387 -21.05 -14.93 -8.50
CA LYS A 387 -22.49 -14.95 -8.77
C LYS A 387 -22.72 -15.50 -10.18
N SER A 388 -21.82 -15.15 -11.13
CA SER A 388 -21.85 -15.59 -12.52
C SER A 388 -21.85 -17.12 -12.62
N THR A 389 -21.15 -17.79 -11.71
#